data_6FIW
#
_entry.id   6FIW
#
_cell.length_a   91.070
_cell.length_b   128.350
_cell.length_c   129.720
_cell.angle_alpha   90.00
_cell.angle_beta   90.00
_cell.angle_gamma   90.00
#
_symmetry.space_group_name_H-M   'I 2 2 2'
#
loop_
_entity.id
_entity.type
_entity.pdbx_description
1 polymer "Cytosolic purine 5'-nucleotidase"
2 non-polymer 'SULFATE ION'
3 non-polymer 'MAGNESIUM ION'
4 non-polymer GLYCEROL
5 water water
#
_entity_poly.entity_id   1
_entity_poly.type   'polypeptide(L)'
_entity_poly.pdbx_seq_one_letter_code
;MSTSWSDRLQNAADMPANMDKHALKKYRREAYHRVFVNRSLAMEKIKCFGFDMDYTLAVYKSPEYESLGFELTVERLVSI
GYPQELLSFAYDSTFPTRGLVFDTLYGNLLKVDAYGNLLVCAHGFNFIRGPETREQYPNKFIQRDDTERFYILNTLFNLP
ETYLLACLVDFFTNCPRYTSCETGFKDGDLFMSYRSMFQDVRDAVDWVHYKGSLKEKTVENLEKYVVKDGKLPLLLSRMK
EVGKVFLATNSDYKYTDKIMTYLFDFPHGPKPGSSHRPWQSYFDLILVDARKPLFFGEGTVLRQVDTKTGKLKIGTYTGP
LQHGIVYSGGSSDTICDLLGAKGKDILYIGDHIFGDILKSKKRQGWRTFLVIPELAQELHVWTDKSSLFEELQSLDIFLA
ELYKHLDSSSNERPDISSIQRRIKKVTHDMDMCYGMMGSLFRSGSRQTLFASQVMRYADLYAASFINLLYYPFSYLFRAA
HVLMPHESTVEHTHVDINEMESPLATRNRTSVDFKDTDYKRHQLTRSISEIKPPNL
;
_entity_poly.pdbx_strand_id   A
#
loop_
_chem_comp.id
_chem_comp.type
_chem_comp.name
_chem_comp.formula
GOL non-polymer GLYCEROL 'C3 H8 O3'
MG non-polymer 'MAGNESIUM ION' 'Mg 2'
SO4 non-polymer 'SULFATE ION' 'O4 S -2'
#
# COMPACT_ATOMS: atom_id res chain seq x y z
N THR A 3 -8.22 -13.30 -12.24
CA THR A 3 -6.82 -13.12 -11.90
C THR A 3 -6.64 -11.90 -10.98
N SER A 4 -5.95 -12.11 -9.87
CA SER A 4 -5.60 -11.09 -8.89
C SER A 4 -4.19 -10.56 -9.13
N TRP A 5 -3.88 -9.41 -8.51
CA TRP A 5 -2.54 -8.86 -8.67
C TRP A 5 -1.48 -9.76 -8.06
N SER A 6 -1.83 -10.51 -7.00
CA SER A 6 -0.87 -11.41 -6.40
C SER A 6 -0.56 -12.59 -7.31
N ASP A 7 -1.49 -12.97 -8.20
CA ASP A 7 -1.23 -14.07 -9.11
C ASP A 7 -0.07 -13.73 -10.05
N ARG A 8 -0.07 -12.51 -10.59
CA ARG A 8 1.06 -12.09 -11.44
C ARG A 8 2.36 -12.05 -10.65
N LEU A 9 2.32 -11.58 -9.41
CA LEU A 9 3.51 -11.62 -8.57
C LEU A 9 3.96 -13.06 -8.29
N GLN A 10 3.02 -13.96 -7.98
CA GLN A 10 3.40 -15.34 -7.70
C GLN A 10 4.00 -16.01 -8.94
N ASN A 11 3.46 -15.71 -10.13
CA ASN A 11 3.99 -16.34 -11.34
C ASN A 11 5.41 -15.86 -11.67
N ALA A 12 5.67 -14.56 -11.50
CA ALA A 12 7.04 -14.08 -11.62
C ALA A 12 7.93 -14.69 -10.54
N ALA A 13 7.38 -14.91 -9.34
CA ALA A 13 8.16 -15.45 -8.23
C ALA A 13 8.59 -16.90 -8.48
N ASP A 14 7.79 -17.66 -9.22
CA ASP A 14 8.19 -19.04 -9.53
C ASP A 14 9.42 -19.12 -10.42
N MET A 15 9.76 -18.04 -11.12
CA MET A 15 10.80 -18.11 -12.13
C MET A 15 12.19 -17.92 -11.51
N PRO A 16 13.11 -18.85 -11.74
CA PRO A 16 14.46 -18.70 -11.20
C PRO A 16 15.18 -17.54 -11.88
N ALA A 17 16.29 -17.14 -11.26
CA ALA A 17 17.07 -15.98 -11.72
C ALA A 17 18.07 -16.41 -12.80
N ASN A 18 17.87 -15.91 -14.02
CA ASN A 18 18.86 -16.00 -15.09
C ASN A 18 19.68 -14.71 -15.04
N MET A 19 20.86 -14.77 -14.44
CA MET A 19 21.67 -13.58 -14.23
C MET A 19 22.55 -13.22 -15.43
N ASP A 20 22.39 -13.92 -16.56
CA ASP A 20 23.01 -13.47 -17.80
C ASP A 20 22.63 -12.02 -18.05
N LYS A 21 23.64 -11.19 -18.35
CA LYS A 21 23.41 -9.75 -18.37
C LYS A 21 22.50 -9.34 -19.53
N HIS A 22 22.52 -10.08 -20.64
CA HIS A 22 21.62 -9.75 -21.73
C HIS A 22 20.17 -10.10 -21.38
N ALA A 23 19.97 -11.22 -20.68
CA ALA A 23 18.63 -11.57 -20.23
C ALA A 23 18.08 -10.55 -19.24
N LEU A 24 18.97 -9.92 -18.44
CA LEU A 24 18.49 -8.96 -17.44
C LEU A 24 17.96 -7.69 -18.10
N LYS A 25 18.67 -7.15 -19.10
CA LYS A 25 18.19 -5.98 -19.82
C LYS A 25 16.91 -6.28 -20.59
N LYS A 26 16.82 -7.46 -21.19
CA LYS A 26 15.58 -7.87 -21.85
C LYS A 26 14.44 -7.96 -20.85
N TYR A 27 14.69 -8.61 -19.71
CA TYR A 27 13.67 -8.79 -18.69
C TYR A 27 13.23 -7.45 -18.10
N ARG A 28 14.20 -6.58 -17.79
CA ARG A 28 13.90 -5.32 -17.11
C ARG A 28 13.07 -4.36 -17.96
N ARG A 29 13.02 -4.57 -19.28
CA ARG A 29 12.37 -3.62 -20.15
C ARG A 29 10.91 -3.94 -20.37
N GLU A 30 10.49 -5.17 -20.09
CA GLU A 30 9.09 -5.47 -19.83
C GLU A 30 8.61 -4.68 -18.61
N ALA A 31 7.40 -4.14 -18.68
CA ALA A 31 6.98 -3.16 -17.68
C ALA A 31 6.80 -3.81 -16.30
N TYR A 32 6.30 -5.05 -16.27
CA TYR A 32 6.06 -5.73 -14.99
C TYR A 32 7.33 -5.88 -14.17
N HIS A 33 8.49 -5.92 -14.82
CA HIS A 33 9.74 -6.18 -14.12
C HIS A 33 10.61 -4.95 -14.03
N ARG A 34 10.08 -3.79 -14.39
CA ARG A 34 10.89 -2.58 -14.44
C ARG A 34 10.79 -1.82 -13.11
N VAL A 35 11.84 -1.09 -12.78
CA VAL A 35 11.80 -0.11 -11.72
C VAL A 35 11.52 1.26 -12.33
N PHE A 36 10.44 1.91 -11.90
CA PHE A 36 10.05 3.21 -12.43
C PHE A 36 10.64 4.33 -11.59
N VAL A 37 10.89 5.48 -12.23
CA VAL A 37 11.75 6.52 -11.67
C VAL A 37 11.00 7.83 -11.65
N ASN A 38 10.79 8.39 -10.45
CA ASN A 38 10.29 9.75 -10.34
C ASN A 38 11.44 10.75 -10.18
N ARG A 39 12.43 10.44 -9.36
CA ARG A 39 13.59 11.31 -9.20
C ARG A 39 14.83 10.45 -9.37
N SER A 40 15.86 11.04 -9.96
CA SER A 40 17.04 10.27 -10.35
C SER A 40 17.79 9.77 -9.13
N LEU A 41 18.35 8.56 -9.26
CA LEU A 41 19.02 7.89 -8.15
C LEU A 41 20.21 7.11 -8.69
N ALA A 42 21.41 7.42 -8.19
CA ALA A 42 22.62 6.74 -8.58
C ALA A 42 22.86 5.60 -7.59
N MET A 43 22.55 4.37 -7.99
CA MET A 43 22.61 3.25 -7.07
C MET A 43 24.00 3.05 -6.48
N GLU A 44 25.03 3.56 -7.14
CA GLU A 44 26.39 3.43 -6.65
C GLU A 44 26.59 4.21 -5.34
N LYS A 45 25.82 5.26 -5.13
CA LYS A 45 25.96 6.05 -3.91
C LYS A 45 25.15 5.48 -2.75
N ILE A 46 24.33 4.47 -3.00
CA ILE A 46 23.55 3.85 -1.94
C ILE A 46 24.47 2.96 -1.12
N LYS A 47 24.50 3.16 0.21
CA LYS A 47 25.29 2.30 1.08
C LYS A 47 24.46 1.36 1.95
N CYS A 48 23.17 1.64 2.14
CA CYS A 48 22.30 0.80 2.96
C CYS A 48 20.98 0.58 2.25
N PHE A 49 20.59 -0.67 2.12
CA PHE A 49 19.27 -1.04 1.64
C PHE A 49 18.44 -1.46 2.85
N GLY A 50 17.33 -0.77 3.08
CA GLY A 50 16.46 -1.03 4.21
C GLY A 50 15.12 -1.54 3.75
N PHE A 51 14.51 -2.43 4.55
CA PHE A 51 13.27 -3.09 4.16
C PHE A 51 12.21 -2.99 5.25
N ASP A 52 10.98 -2.77 4.81
CA ASP A 52 9.79 -3.15 5.55
C ASP A 52 9.47 -4.62 5.25
N MET A 53 8.63 -5.24 6.09
CA MET A 53 8.28 -6.63 5.86
C MET A 53 6.89 -6.80 5.22
N ASP A 54 5.81 -6.46 5.95
CA ASP A 54 4.46 -6.80 5.50
C ASP A 54 4.07 -6.04 4.24
N TYR A 55 3.73 -6.78 3.19
CA TYR A 55 3.39 -6.24 1.87
C TYR A 55 4.59 -5.64 1.16
N THR A 56 5.80 -5.86 1.68
CA THR A 56 7.04 -5.52 0.98
C THR A 56 7.83 -6.80 0.73
N LEU A 57 8.49 -7.38 1.74
CA LEU A 57 9.09 -8.71 1.59
C LEU A 57 8.03 -9.80 1.59
N ALA A 58 6.99 -9.62 2.39
CA ALA A 58 5.95 -10.63 2.55
C ALA A 58 4.66 -10.10 1.94
N VAL A 59 4.37 -10.52 0.71
CA VAL A 59 3.19 -10.07 -0.01
C VAL A 59 2.11 -11.12 0.21
N TYR A 60 1.05 -10.74 0.93
CA TYR A 60 -0.04 -11.67 1.20
C TYR A 60 -0.89 -11.89 -0.04
N LYS A 61 -1.29 -13.14 -0.24
CA LYS A 61 -2.00 -13.53 -1.46
C LYS A 61 -3.41 -12.97 -1.46
N SER A 62 -3.85 -12.52 -2.63
CA SER A 62 -5.14 -11.88 -2.82
C SER A 62 -6.02 -12.74 -3.73
N PRO A 63 -7.32 -12.89 -3.42
CA PRO A 63 -8.08 -12.28 -2.32
C PRO A 63 -8.17 -13.11 -1.04
N GLU A 64 -7.37 -14.17 -0.92
CA GLU A 64 -7.48 -15.05 0.23
C GLU A 64 -7.23 -14.30 1.53
N TYR A 65 -6.18 -13.48 1.56
CA TYR A 65 -5.80 -12.84 2.83
C TYR A 65 -6.80 -11.76 3.21
N GLU A 66 -7.18 -10.89 2.26
CA GLU A 66 -8.24 -9.91 2.53
C GLU A 66 -9.51 -10.60 2.99
N SER A 67 -9.86 -11.71 2.33
CA SER A 67 -11.09 -12.41 2.70
C SER A 67 -11.03 -12.90 4.15
N LEU A 68 -9.88 -13.47 4.55
CA LEU A 68 -9.70 -13.87 5.94
C LEU A 68 -9.83 -12.67 6.88
N GLY A 69 -9.12 -11.58 6.58
CA GLY A 69 -9.23 -10.40 7.42
C GLY A 69 -10.66 -9.89 7.52
N PHE A 70 -11.37 -9.91 6.39
CA PHE A 70 -12.77 -9.51 6.35
C PHE A 70 -13.64 -10.38 7.27
N GLU A 71 -13.61 -11.71 7.08
CA GLU A 71 -14.51 -12.55 7.87
C GLU A 71 -14.19 -12.48 9.36
N LEU A 72 -12.91 -12.40 9.73
CA LEU A 72 -12.55 -12.27 11.14
C LEU A 72 -13.00 -10.93 11.73
N THR A 73 -12.97 -9.86 10.92
CA THR A 73 -13.44 -8.56 11.39
C THR A 73 -14.95 -8.56 11.56
N VAL A 74 -15.68 -9.12 10.58
CA VAL A 74 -17.13 -9.24 10.69
C VAL A 74 -17.50 -10.03 11.94
N GLU A 75 -16.81 -11.14 12.20
CA GLU A 75 -17.15 -11.94 13.36
C GLU A 75 -16.86 -11.19 14.66
N ARG A 76 -15.80 -10.37 14.68
CA ARG A 76 -15.54 -9.57 15.87
C ARG A 76 -16.67 -8.57 16.11
N LEU A 77 -17.13 -7.90 15.04
CA LEU A 77 -18.22 -6.94 15.17
C LEU A 77 -19.50 -7.61 15.67
N VAL A 78 -19.80 -8.80 15.14
CA VAL A 78 -20.98 -9.53 15.61
C VAL A 78 -20.82 -9.89 17.08
N SER A 79 -19.63 -10.34 17.49
CA SER A 79 -19.51 -10.73 18.88
C SER A 79 -19.60 -9.55 19.84
N ILE A 80 -19.35 -8.32 19.39
CA ILE A 80 -19.59 -7.18 20.28
C ILE A 80 -20.99 -6.61 20.15
N GLY A 81 -21.85 -7.21 19.32
CA GLY A 81 -23.26 -6.83 19.32
C GLY A 81 -23.82 -6.34 18.01
N TYR A 82 -23.07 -6.25 16.92
CA TYR A 82 -23.67 -5.90 15.64
C TYR A 82 -24.63 -7.01 15.17
N PRO A 83 -25.56 -6.70 14.26
CA PRO A 83 -26.57 -7.68 13.88
C PRO A 83 -25.98 -8.93 13.21
N GLN A 84 -26.66 -10.05 13.41
CA GLN A 84 -26.17 -11.33 12.90
C GLN A 84 -26.13 -11.37 11.38
N GLU A 85 -26.97 -10.57 10.70
CA GLU A 85 -26.93 -10.49 9.25
C GLU A 85 -25.54 -10.17 8.69
N LEU A 86 -24.65 -9.57 9.50
CA LEU A 86 -23.29 -9.30 9.02
C LEU A 86 -22.57 -10.58 8.61
N LEU A 87 -22.89 -11.70 9.26
CA LEU A 87 -22.19 -12.96 8.98
C LEU A 87 -22.45 -13.45 7.57
N SER A 88 -23.50 -12.97 6.91
CA SER A 88 -23.74 -13.36 5.53
C SER A 88 -22.98 -12.50 4.53
N PHE A 89 -22.27 -11.45 4.96
CA PHE A 89 -21.40 -10.70 4.07
C PHE A 89 -20.25 -11.59 3.63
N ALA A 90 -19.79 -11.39 2.39
CA ALA A 90 -18.62 -12.05 1.86
C ALA A 90 -17.76 -11.04 1.12
N TYR A 91 -16.46 -11.08 1.37
CA TYR A 91 -15.53 -10.14 0.74
C TYR A 91 -15.61 -10.23 -0.78
N ASP A 92 -15.62 -9.07 -1.42
CA ASP A 92 -15.69 -8.98 -2.88
C ASP A 92 -14.55 -8.10 -3.36
N SER A 93 -13.53 -8.73 -3.95
CA SER A 93 -12.33 -8.03 -4.34
C SER A 93 -12.56 -7.04 -5.48
N THR A 94 -13.68 -7.12 -6.19
CA THR A 94 -13.86 -6.18 -7.29
C THR A 94 -14.38 -4.83 -6.85
N PHE A 95 -14.76 -4.65 -5.58
CA PHE A 95 -15.27 -3.34 -5.16
C PHE A 95 -14.13 -2.40 -4.74
N PRO A 96 -13.33 -2.74 -3.73
CA PRO A 96 -12.44 -1.72 -3.14
C PRO A 96 -11.23 -1.45 -4.01
N THR A 97 -10.89 -0.17 -4.12
CA THR A 97 -9.59 0.26 -4.60
C THR A 97 -8.87 0.90 -3.42
N ARG A 98 -7.56 0.76 -3.37
CA ARG A 98 -6.83 1.27 -2.23
C ARG A 98 -6.77 2.80 -2.30
N GLY A 99 -6.67 3.44 -1.12
CA GLY A 99 -6.49 4.87 -1.04
C GLY A 99 -7.77 5.67 -0.98
N LEU A 100 -8.91 5.04 -0.74
CA LEU A 100 -10.15 5.78 -0.66
C LEU A 100 -10.21 6.51 0.68
N VAL A 101 -11.04 7.55 0.72
CA VAL A 101 -11.25 8.34 1.92
C VAL A 101 -12.64 8.01 2.44
N PHE A 102 -12.74 7.66 3.71
CA PHE A 102 -14.03 7.50 4.32
C PHE A 102 -14.40 8.77 5.07
N ASP A 103 -15.51 9.36 4.69
CA ASP A 103 -16.03 10.56 5.35
C ASP A 103 -16.89 10.10 6.53
N THR A 104 -16.34 10.17 7.75
CA THR A 104 -17.07 9.72 8.94
C THR A 104 -18.27 10.59 9.27
N LEU A 105 -18.44 11.73 8.59
CA LEU A 105 -19.63 12.54 8.85
C LEU A 105 -20.84 12.05 8.06
N TYR A 106 -20.69 11.83 6.76
CA TYR A 106 -21.82 11.46 5.91
C TYR A 106 -21.81 9.99 5.48
N GLY A 107 -20.84 9.19 5.90
CA GLY A 107 -20.80 7.78 5.60
C GLY A 107 -20.40 7.43 4.18
N ASN A 108 -19.68 8.31 3.48
CA ASN A 108 -19.33 8.10 2.08
C ASN A 108 -17.90 7.63 1.93
N LEU A 109 -17.67 6.74 0.95
CA LEU A 109 -16.32 6.46 0.45
C LEU A 109 -16.02 7.40 -0.72
N LEU A 110 -14.89 8.09 -0.62
CA LEU A 110 -14.50 9.09 -1.61
C LEU A 110 -13.16 8.73 -2.25
N LYS A 111 -13.11 8.86 -3.57
CA LYS A 111 -11.86 8.86 -4.30
C LYS A 111 -11.57 10.31 -4.69
N VAL A 112 -10.46 10.86 -4.22
CA VAL A 112 -10.15 12.28 -4.37
C VAL A 112 -8.86 12.45 -5.16
N ASP A 113 -8.63 13.67 -5.66
CA ASP A 113 -7.36 14.00 -6.26
C ASP A 113 -6.44 14.65 -5.22
N ALA A 114 -5.25 15.10 -5.63
CA ALA A 114 -4.28 15.67 -4.68
C ALA A 114 -4.81 16.92 -3.97
N TYR A 115 -5.88 17.53 -4.50
CA TYR A 115 -6.45 18.76 -3.94
C TYR A 115 -7.74 18.53 -3.19
N GLY A 116 -8.14 17.29 -2.99
CA GLY A 116 -9.42 17.05 -2.33
C GLY A 116 -10.64 17.13 -3.22
N ASN A 117 -10.45 17.25 -4.54
CA ASN A 117 -11.59 17.26 -5.45
C ASN A 117 -12.18 15.86 -5.57
N LEU A 118 -13.51 15.75 -5.52
CA LEU A 118 -14.15 14.44 -5.58
C LEU A 118 -14.07 13.87 -6.98
N LEU A 119 -13.55 12.65 -7.11
CA LEU A 119 -13.62 11.92 -8.36
C LEU A 119 -14.74 10.89 -8.37
N VAL A 120 -14.97 10.25 -7.22
CA VAL A 120 -16.03 9.24 -7.06
C VAL A 120 -16.56 9.38 -5.63
N CYS A 121 -17.88 9.31 -5.49
CA CYS A 121 -18.52 9.31 -4.18
C CYS A 121 -19.49 8.13 -4.13
N ALA A 122 -19.28 7.23 -3.16
CA ALA A 122 -20.12 6.03 -3.03
C ALA A 122 -20.70 5.98 -1.63
N HIS A 123 -22.01 5.97 -1.55
CA HIS A 123 -22.73 5.74 -0.30
C HIS A 123 -23.23 4.29 -0.31
N GLY A 124 -22.66 3.47 0.54
CA GLY A 124 -22.86 2.03 0.43
C GLY A 124 -22.44 1.59 -0.96
N PHE A 125 -23.36 1.02 -1.73
CA PHE A 125 -23.08 0.60 -3.10
C PHE A 125 -23.76 1.50 -4.13
N ASN A 126 -24.33 2.62 -3.69
N ASN A 126 -24.26 2.66 -3.69
CA ASN A 126 -24.94 3.58 -4.59
CA ASN A 126 -24.94 3.63 -4.55
C ASN A 126 -23.90 4.68 -4.88
C ASN A 126 -23.95 4.73 -4.89
N PHE A 127 -23.57 4.84 -6.16
CA PHE A 127 -22.62 5.84 -6.59
C PHE A 127 -23.35 7.15 -6.81
N ILE A 128 -22.99 8.16 -6.03
CA ILE A 128 -23.60 9.49 -6.13
C ILE A 128 -22.91 10.24 -7.26
N ARG A 129 -23.68 10.76 -8.19
CA ARG A 129 -23.10 11.44 -9.34
C ARG A 129 -23.26 12.95 -9.19
N GLY A 130 -22.36 13.67 -9.86
CA GLY A 130 -22.38 15.12 -10.02
C GLY A 130 -23.20 15.93 -9.03
N PRO A 131 -24.40 16.33 -9.45
CA PRO A 131 -25.15 17.33 -8.66
C PRO A 131 -25.69 16.82 -7.34
N GLU A 132 -25.89 15.50 -7.20
CA GLU A 132 -26.33 15.01 -5.90
C GLU A 132 -25.22 15.12 -4.86
N THR A 133 -23.96 14.99 -5.27
CA THR A 133 -22.86 15.16 -4.33
C THR A 133 -22.76 16.60 -3.85
N ARG A 134 -23.22 17.58 -4.65
CA ARG A 134 -23.12 18.97 -4.25
C ARG A 134 -23.98 19.28 -3.02
N GLU A 135 -24.98 18.44 -2.73
CA GLU A 135 -25.77 18.65 -1.52
C GLU A 135 -24.91 18.53 -0.27
N GLN A 136 -24.02 17.52 -0.23
CA GLN A 136 -23.15 17.35 0.94
C GLN A 136 -21.78 18.00 0.75
N TYR A 137 -21.34 18.18 -0.49
CA TYR A 137 -20.02 18.73 -0.81
C TYR A 137 -20.28 19.89 -1.75
N PRO A 138 -20.61 21.07 -1.19
CA PRO A 138 -21.01 22.21 -2.04
C PRO A 138 -20.00 22.57 -3.12
N ASN A 139 -18.72 22.45 -2.81
CA ASN A 139 -17.66 22.77 -3.76
C ASN A 139 -17.02 21.52 -4.38
N LYS A 140 -17.66 20.35 -4.23
CA LYS A 140 -17.14 19.07 -4.71
C LYS A 140 -15.70 18.85 -4.26
N PHE A 141 -15.47 19.04 -2.97
CA PHE A 141 -14.12 19.13 -2.46
C PHE A 141 -14.15 18.85 -0.97
N ILE A 142 -13.09 18.21 -0.48
CA ILE A 142 -12.90 17.97 0.95
C ILE A 142 -11.51 18.45 1.36
N GLN A 143 -11.37 18.85 2.61
CA GLN A 143 -10.05 19.15 3.17
C GLN A 143 -9.49 17.89 3.80
N ARG A 144 -8.59 17.22 3.09
CA ARG A 144 -8.05 15.96 3.62
C ARG A 144 -7.19 16.20 4.86
N ASP A 145 -6.67 17.40 5.06
CA ASP A 145 -5.99 17.75 6.30
C ASP A 145 -6.87 17.50 7.53
N ASP A 146 -8.19 17.47 7.36
CA ASP A 146 -9.11 17.35 8.48
C ASP A 146 -9.16 15.87 8.90
N THR A 147 -8.08 15.44 9.56
CA THR A 147 -7.93 14.05 9.93
C THR A 147 -8.91 13.61 11.02
N GLU A 148 -9.68 14.52 11.62
CA GLU A 148 -10.72 14.07 12.54
C GLU A 148 -11.99 13.63 11.81
N ARG A 149 -12.22 14.12 10.60
CA ARG A 149 -13.41 13.74 9.84
C ARG A 149 -13.14 12.65 8.82
N PHE A 150 -12.00 12.71 8.16
CA PHE A 150 -11.70 11.86 7.02
C PHE A 150 -10.60 10.86 7.37
N TYR A 151 -10.77 9.61 6.95
CA TYR A 151 -9.76 8.59 7.15
C TYR A 151 -9.36 8.02 5.79
N ILE A 152 -8.07 8.10 5.49
CA ILE A 152 -7.55 7.64 4.20
C ILE A 152 -7.12 6.19 4.35
N LEU A 153 -7.68 5.32 3.52
CA LEU A 153 -7.45 3.87 3.62
C LEU A 153 -6.29 3.49 2.72
N ASN A 154 -5.09 3.65 3.25
CA ASN A 154 -3.87 3.77 2.45
C ASN A 154 -3.13 2.48 2.19
N THR A 155 -3.33 1.43 2.97
CA THR A 155 -2.55 0.21 2.78
C THR A 155 -3.45 -0.95 2.35
N LEU A 156 -2.79 -2.02 1.88
CA LEU A 156 -3.53 -3.21 1.49
C LEU A 156 -4.23 -3.84 2.68
N PHE A 157 -3.75 -3.60 3.91
CA PHE A 157 -4.44 -4.07 5.09
C PHE A 157 -5.83 -3.45 5.22
N ASN A 158 -6.02 -2.25 4.66
CA ASN A 158 -7.31 -1.56 4.68
C ASN A 158 -8.29 -2.03 3.61
N LEU A 159 -7.87 -2.91 2.69
CA LEU A 159 -8.84 -3.38 1.68
C LEU A 159 -10.07 -4.02 2.31
N PRO A 160 -9.96 -4.94 3.28
CA PRO A 160 -11.20 -5.49 3.88
C PRO A 160 -12.11 -4.44 4.51
N GLU A 161 -11.56 -3.49 5.29
CA GLU A 161 -12.48 -2.53 5.92
C GLU A 161 -13.08 -1.56 4.89
N THR A 162 -12.34 -1.24 3.83
CA THR A 162 -12.92 -0.46 2.73
C THR A 162 -14.21 -1.10 2.24
N TYR A 163 -14.16 -2.39 1.91
CA TYR A 163 -15.37 -3.08 1.48
C TYR A 163 -16.38 -3.19 2.62
N LEU A 164 -15.90 -3.47 3.84
CA LEU A 164 -16.80 -3.63 4.98
C LEU A 164 -17.58 -2.36 5.27
N LEU A 165 -16.92 -1.21 5.22
CA LEU A 165 -17.63 0.05 5.46
C LEU A 165 -18.78 0.20 4.48
N ALA A 166 -18.54 -0.09 3.19
CA ALA A 166 -19.63 -0.01 2.23
C ALA A 166 -20.72 -1.06 2.52
N CYS A 167 -20.34 -2.27 2.92
CA CYS A 167 -21.35 -3.28 3.28
C CYS A 167 -22.26 -2.76 4.38
N LEU A 168 -21.67 -2.19 5.44
CA LEU A 168 -22.44 -1.72 6.59
C LEU A 168 -23.37 -0.57 6.21
N VAL A 169 -22.84 0.46 5.52
CA VAL A 169 -23.70 1.55 5.08
C VAL A 169 -24.84 1.03 4.22
N ASP A 170 -24.55 0.10 3.32
CA ASP A 170 -25.61 -0.46 2.49
C ASP A 170 -26.63 -1.22 3.35
N PHE A 171 -26.14 -2.06 4.27
CA PHE A 171 -27.02 -2.85 5.12
C PHE A 171 -27.96 -1.97 5.96
N PHE A 172 -27.39 -1.04 6.74
CA PHE A 172 -28.23 -0.23 7.61
C PHE A 172 -29.19 0.66 6.83
N THR A 173 -28.75 1.13 5.64
CA THR A 173 -29.61 1.97 4.81
C THR A 173 -30.87 1.23 4.37
N ASN A 174 -30.76 -0.06 4.09
CA ASN A 174 -31.84 -0.82 3.50
C ASN A 174 -32.50 -1.79 4.48
N CYS A 175 -32.09 -1.79 5.72
CA CYS A 175 -32.76 -2.63 6.71
C CYS A 175 -33.91 -1.86 7.37
N PRO A 176 -35.12 -2.42 7.39
CA PRO A 176 -36.29 -1.63 7.82
C PRO A 176 -36.31 -1.31 9.31
N ARG A 177 -35.53 -2.02 10.14
CA ARG A 177 -35.46 -1.64 11.55
C ARG A 177 -34.77 -0.28 11.76
N TYR A 178 -34.00 0.20 10.79
CA TYR A 178 -33.23 1.43 10.95
C TYR A 178 -33.82 2.56 10.12
N THR A 179 -33.69 3.77 10.62
CA THR A 179 -34.10 4.99 9.94
C THR A 179 -32.87 5.81 9.60
N SER A 180 -32.74 6.20 8.34
CA SER A 180 -31.58 6.94 7.88
C SER A 180 -31.65 8.41 8.26
N CYS A 181 -30.51 8.95 8.69
CA CYS A 181 -30.32 10.37 8.93
C CYS A 181 -29.08 10.82 8.15
N GLU A 182 -28.83 12.13 8.17
CA GLU A 182 -27.69 12.65 7.42
C GLU A 182 -26.38 12.03 7.90
N THR A 183 -26.25 11.83 9.22
CA THR A 183 -25.00 11.43 9.84
C THR A 183 -25.08 10.06 10.51
N GLY A 184 -26.11 9.27 10.27
CA GLY A 184 -26.13 7.92 10.81
C GLY A 184 -27.50 7.29 10.75
N PHE A 185 -27.69 6.28 11.59
CA PHE A 185 -28.91 5.48 11.61
C PHE A 185 -29.47 5.41 13.01
N LYS A 186 -30.79 5.56 13.09
CA LYS A 186 -31.52 5.55 14.35
C LYS A 186 -32.32 4.27 14.43
N ASP A 187 -32.41 3.72 15.61
CA ASP A 187 -33.23 2.54 15.84
C ASP A 187 -33.90 2.76 17.20
N GLY A 188 -35.04 3.43 17.19
CA GLY A 188 -35.68 3.79 18.43
C GLY A 188 -34.84 4.81 19.16
N ASP A 189 -34.37 4.46 20.35
CA ASP A 189 -33.60 5.36 21.21
C ASP A 189 -32.09 5.17 21.09
N LEU A 190 -31.64 4.35 20.14
CA LEU A 190 -30.23 4.14 19.88
C LEU A 190 -29.86 4.82 18.57
N PHE A 191 -28.87 5.70 18.59
CA PHE A 191 -28.42 6.36 17.38
C PHE A 191 -26.98 5.96 17.10
N MET A 192 -26.76 5.37 15.93
CA MET A 192 -25.43 4.99 15.48
C MET A 192 -24.96 5.94 14.39
N SER A 193 -24.05 6.82 14.73
CA SER A 193 -23.44 7.70 13.74
C SER A 193 -22.48 6.91 12.86
N TYR A 194 -22.30 7.38 11.62
CA TYR A 194 -21.28 6.81 10.75
C TYR A 194 -19.90 6.81 11.40
N ARG A 195 -19.59 7.86 12.19
CA ARG A 195 -18.25 7.98 12.77
C ARG A 195 -18.02 6.91 13.85
N SER A 196 -19.03 6.65 14.69
CA SER A 196 -18.91 5.58 15.67
C SER A 196 -18.94 4.21 15.02
N MET A 197 -19.67 4.08 13.90
CA MET A 197 -19.59 2.86 13.11
C MET A 197 -18.18 2.69 12.54
N PHE A 198 -17.61 3.76 11.98
CA PHE A 198 -16.24 3.69 11.49
C PHE A 198 -15.27 3.27 12.59
N GLN A 199 -15.40 3.88 13.77
CA GLN A 199 -14.51 3.58 14.90
C GLN A 199 -14.61 2.11 15.31
N ASP A 200 -15.83 1.56 15.33
CA ASP A 200 -15.96 0.13 15.64
C ASP A 200 -15.22 -0.73 14.62
N VAL A 201 -15.32 -0.36 13.34
CA VAL A 201 -14.65 -1.13 12.29
C VAL A 201 -13.15 -1.08 12.45
N ARG A 202 -12.60 0.14 12.63
CA ARG A 202 -11.16 0.31 12.88
C ARG A 202 -10.71 -0.54 14.06
N ASP A 203 -11.43 -0.45 15.18
CA ASP A 203 -11.07 -1.20 16.38
C ASP A 203 -11.11 -2.70 16.12
N ALA A 204 -12.12 -3.18 15.39
CA ALA A 204 -12.20 -4.62 15.15
C ALA A 204 -11.03 -5.09 14.29
N VAL A 205 -10.63 -4.28 13.30
CA VAL A 205 -9.49 -4.63 12.46
C VAL A 205 -8.21 -4.69 13.30
N ASP A 206 -7.96 -3.66 14.11
CA ASP A 206 -6.84 -3.70 15.05
C ASP A 206 -6.89 -4.95 15.92
N TRP A 207 -8.06 -5.21 16.54
CA TRP A 207 -8.21 -6.34 17.46
C TRP A 207 -7.89 -7.66 16.77
N VAL A 208 -8.46 -7.87 15.58
CA VAL A 208 -8.21 -9.09 14.82
C VAL A 208 -6.72 -9.30 14.60
N HIS A 209 -5.99 -8.21 14.35
CA HIS A 209 -4.57 -8.28 14.05
C HIS A 209 -3.72 -8.49 15.29
N TYR A 210 -4.10 -7.89 16.42
CA TYR A 210 -3.23 -7.89 17.58
C TYR A 210 -3.77 -8.70 18.76
N LYS A 211 -5.06 -9.06 18.77
CA LYS A 211 -5.63 -9.85 19.84
C LYS A 211 -6.46 -11.04 19.36
N GLY A 212 -6.86 -11.08 18.10
CA GLY A 212 -7.66 -12.17 17.55
C GLY A 212 -6.79 -13.22 16.92
N SER A 213 -7.36 -13.93 15.97
CA SER A 213 -6.72 -15.13 15.42
C SER A 213 -6.11 -14.92 14.04
N LEU A 214 -6.02 -13.67 13.53
CA LEU A 214 -5.53 -13.48 12.17
C LEU A 214 -4.10 -14.01 12.01
N LYS A 215 -3.21 -13.63 12.92
CA LYS A 215 -1.82 -14.05 12.81
C LYS A 215 -1.67 -15.56 12.93
N GLU A 216 -2.38 -16.18 13.88
CA GLU A 216 -2.33 -17.63 14.02
C GLU A 216 -2.79 -18.32 12.74
N LYS A 217 -3.96 -17.94 12.23
CA LYS A 217 -4.48 -18.60 11.03
C LYS A 217 -3.57 -18.39 9.82
N THR A 218 -2.88 -17.25 9.76
CA THR A 218 -1.94 -17.00 8.67
C THR A 218 -0.73 -17.93 8.79
N VAL A 219 -0.15 -17.97 9.98
CA VAL A 219 1.09 -18.71 10.21
C VAL A 219 0.89 -20.22 10.07
N GLU A 220 -0.33 -20.72 10.27
CA GLU A 220 -0.55 -22.15 10.16
C GLU A 220 -0.94 -22.57 8.75
N ASN A 221 -0.92 -21.65 7.80
CA ASN A 221 -1.12 -22.02 6.40
C ASN A 221 -0.46 -20.97 5.52
N LEU A 222 0.86 -20.85 5.68
CA LEU A 222 1.61 -19.80 5.01
C LEU A 222 1.54 -19.91 3.49
N GLU A 223 1.55 -21.15 2.98
CA GLU A 223 1.43 -21.37 1.54
C GLU A 223 0.11 -20.83 1.00
N LYS A 224 -0.94 -20.86 1.81
CA LYS A 224 -2.21 -20.30 1.35
C LYS A 224 -2.18 -18.78 1.32
N TYR A 225 -1.43 -18.15 2.22
CA TYR A 225 -1.63 -16.72 2.46
C TYR A 225 -0.47 -15.81 2.04
N VAL A 226 0.72 -16.34 1.81
CA VAL A 226 1.93 -15.52 1.65
C VAL A 226 2.67 -15.94 0.38
N VAL A 227 3.01 -14.96 -0.46
CA VAL A 227 3.84 -15.20 -1.64
C VAL A 227 5.27 -15.49 -1.21
N LYS A 228 5.87 -16.47 -1.86
CA LYS A 228 7.23 -16.92 -1.61
C LYS A 228 8.02 -16.80 -2.91
N ASP A 229 9.28 -16.38 -2.83
CA ASP A 229 10.06 -16.15 -4.05
C ASP A 229 11.50 -16.54 -3.79
N GLY A 230 11.98 -17.56 -4.51
CA GLY A 230 13.37 -18.01 -4.36
C GLY A 230 14.41 -16.95 -4.72
N LYS A 231 14.02 -15.89 -5.43
CA LYS A 231 14.98 -14.86 -5.80
C LYS A 231 15.26 -13.88 -4.67
N LEU A 232 14.50 -13.93 -3.57
CA LEU A 232 14.73 -13.00 -2.46
C LEU A 232 16.11 -13.19 -1.83
N PRO A 233 16.53 -14.40 -1.41
CA PRO A 233 17.88 -14.50 -0.83
C PRO A 233 18.97 -14.09 -1.79
N LEU A 234 18.73 -14.27 -3.09
CA LEU A 234 19.75 -13.88 -4.07
C LEU A 234 19.91 -12.37 -4.10
N LEU A 235 18.80 -11.64 -4.27
CA LEU A 235 18.86 -10.17 -4.23
C LEU A 235 19.52 -9.67 -2.95
N LEU A 236 19.13 -10.23 -1.80
CA LEU A 236 19.65 -9.69 -0.54
C LEU A 236 21.14 -9.95 -0.40
N SER A 237 21.61 -11.14 -0.82
CA SER A 237 23.04 -11.41 -0.72
C SER A 237 23.82 -10.54 -1.70
N ARG A 238 23.25 -10.26 -2.87
CA ARG A 238 23.90 -9.30 -3.76
C ARG A 238 23.92 -7.90 -3.16
N MET A 239 22.83 -7.44 -2.55
CA MET A 239 22.88 -6.15 -1.86
C MET A 239 23.94 -6.16 -0.78
N LYS A 240 24.08 -7.28 -0.08
CA LYS A 240 25.04 -7.37 1.01
C LYS A 240 26.47 -7.27 0.51
N GLU A 241 26.70 -7.55 -0.76
CA GLU A 241 28.07 -7.45 -1.27
C GLU A 241 28.51 -6.01 -1.42
N VAL A 242 27.62 -5.11 -1.85
CA VAL A 242 28.02 -3.72 -2.08
C VAL A 242 27.59 -2.79 -0.96
N GLY A 243 26.76 -3.24 -0.03
CA GLY A 243 26.36 -2.37 1.04
C GLY A 243 25.95 -3.14 2.27
N LYS A 244 25.30 -2.44 3.18
CA LYS A 244 24.69 -3.08 4.34
C LYS A 244 23.19 -3.19 4.10
N VAL A 245 22.58 -4.18 4.76
CA VAL A 245 21.16 -4.47 4.59
C VAL A 245 20.52 -4.44 5.96
N PHE A 246 19.34 -3.82 6.07
CA PHE A 246 18.68 -3.78 7.37
C PHE A 246 17.17 -3.99 7.21
N LEU A 247 16.58 -4.47 8.28
CA LEU A 247 15.15 -4.67 8.39
C LEU A 247 14.62 -3.69 9.43
N ALA A 248 13.51 -3.02 9.11
CA ALA A 248 12.87 -2.15 10.10
C ALA A 248 11.37 -2.27 9.89
N THR A 249 10.71 -3.01 10.77
CA THR A 249 9.32 -3.38 10.57
C THR A 249 8.52 -3.03 11.81
N ASN A 250 7.23 -2.75 11.61
CA ASN A 250 6.34 -2.50 12.74
C ASN A 250 5.93 -3.79 13.45
N SER A 251 6.04 -4.95 12.81
CA SER A 251 5.64 -6.21 13.44
C SER A 251 6.59 -6.59 14.58
N ASP A 252 6.09 -7.40 15.51
CA ASP A 252 6.89 -7.85 16.63
C ASP A 252 7.81 -8.99 16.20
N TYR A 253 8.72 -9.39 17.11
CA TYR A 253 9.76 -10.33 16.73
C TYR A 253 9.18 -11.71 16.39
N LYS A 254 8.21 -12.17 17.16
CA LYS A 254 7.74 -13.54 16.99
C LYS A 254 7.08 -13.71 15.63
N TYR A 255 6.21 -12.76 15.25
CA TYR A 255 5.58 -12.84 13.94
C TYR A 255 6.61 -12.64 12.83
N THR A 256 7.53 -11.70 13.03
CA THR A 256 8.60 -11.44 12.06
C THR A 256 9.42 -12.69 11.82
N ASP A 257 9.82 -13.37 12.89
CA ASP A 257 10.57 -14.62 12.77
C ASP A 257 9.79 -15.65 11.95
N LYS A 258 8.50 -15.81 12.23
CA LYS A 258 7.74 -16.85 11.55
C LYS A 258 7.57 -16.53 10.07
N ILE A 259 7.30 -15.27 9.73
CA ILE A 259 7.11 -14.90 8.33
C ILE A 259 8.43 -14.95 7.56
N MET A 260 9.51 -14.39 8.15
CA MET A 260 10.79 -14.39 7.45
C MET A 260 11.36 -15.81 7.30
N THR A 261 11.16 -16.68 8.28
CA THR A 261 11.62 -18.06 8.12
C THR A 261 10.92 -18.71 6.94
N TYR A 262 9.61 -18.48 6.80
CA TYR A 262 8.91 -18.96 5.62
C TYR A 262 9.50 -18.39 4.34
N LEU A 263 9.77 -17.07 4.31
CA LEU A 263 10.23 -16.45 3.06
C LEU A 263 11.58 -17.00 2.60
N PHE A 264 12.40 -17.49 3.51
CA PHE A 264 13.68 -18.07 3.15
C PHE A 264 13.65 -19.60 3.18
N ASP A 265 12.46 -20.18 3.25
CA ASP A 265 12.35 -21.64 3.42
C ASP A 265 12.46 -22.30 2.05
N PHE A 266 13.70 -22.47 1.62
CA PHE A 266 14.04 -23.11 0.37
C PHE A 266 15.14 -24.12 0.65
N PRO A 267 15.33 -25.12 -0.21
CA PRO A 267 16.39 -26.11 0.03
C PRO A 267 17.76 -25.57 -0.33
N HIS A 268 17.96 -24.26 -0.24
CA HIS A 268 19.22 -23.64 -0.66
C HIS A 268 19.28 -22.24 -0.05
N GLY A 269 20.47 -21.62 -0.14
CA GLY A 269 20.66 -20.24 0.24
C GLY A 269 20.38 -19.27 -0.91
N PRO A 270 21.35 -18.42 -1.22
CA PRO A 270 21.08 -17.36 -2.21
C PRO A 270 20.67 -17.89 -3.57
N LYS A 271 21.25 -19.00 -3.99
CA LYS A 271 21.01 -19.62 -5.30
C LYS A 271 20.90 -21.11 -5.12
N PRO A 272 20.20 -21.82 -6.02
CA PRO A 272 20.17 -23.28 -5.95
C PRO A 272 21.58 -23.86 -5.95
N GLY A 273 21.81 -24.83 -5.07
CA GLY A 273 23.13 -25.38 -4.86
C GLY A 273 23.83 -24.90 -3.60
N SER A 274 23.51 -23.69 -3.13
CA SER A 274 24.18 -23.11 -1.98
C SER A 274 23.55 -23.60 -0.69
N SER A 275 24.34 -23.67 0.37
CA SER A 275 23.78 -24.04 1.66
C SER A 275 22.74 -23.03 2.07
N HIS A 276 21.65 -23.52 2.66
CA HIS A 276 20.66 -22.66 3.27
C HIS A 276 21.26 -21.92 4.45
N ARG A 277 20.88 -20.65 4.59
CA ARG A 277 21.26 -19.79 5.70
C ARG A 277 20.02 -19.22 6.39
N PRO A 278 20.09 -19.00 7.71
CA PRO A 278 18.95 -18.39 8.41
C PRO A 278 18.68 -16.98 7.87
N TRP A 279 17.40 -16.60 7.91
CA TRP A 279 17.03 -15.29 7.38
C TRP A 279 17.79 -14.17 8.06
N GLN A 280 18.06 -14.29 9.37
CA GLN A 280 18.78 -13.21 10.08
C GLN A 280 20.17 -12.95 9.50
N SER A 281 20.80 -13.95 8.87
CA SER A 281 22.16 -13.76 8.36
C SER A 281 22.20 -12.83 7.16
N TYR A 282 21.05 -12.53 6.57
CA TYR A 282 21.00 -11.61 5.43
C TYR A 282 20.95 -10.14 5.85
N PHE A 283 21.00 -9.84 7.15
CA PHE A 283 20.80 -8.47 7.61
C PHE A 283 21.92 -8.05 8.55
N ASP A 284 22.48 -6.88 8.31
CA ASP A 284 23.40 -6.28 9.27
C ASP A 284 22.68 -5.68 10.46
N LEU A 285 21.40 -5.37 10.31
CA LEU A 285 20.64 -4.80 11.41
C LEU A 285 19.19 -5.22 11.26
N ILE A 286 18.65 -5.76 12.33
CA ILE A 286 17.26 -6.21 12.38
C ILE A 286 16.57 -5.42 13.47
N LEU A 287 15.50 -4.72 13.11
CA LEU A 287 14.79 -3.88 14.08
C LEU A 287 13.30 -4.16 13.96
N VAL A 288 12.68 -4.54 15.08
CA VAL A 288 11.26 -4.82 15.07
C VAL A 288 10.57 -3.79 15.95
N ASP A 289 9.23 -3.83 16.03
CA ASP A 289 8.44 -2.86 16.80
C ASP A 289 8.81 -1.42 16.44
N ALA A 290 9.01 -1.16 15.15
CA ALA A 290 9.59 0.12 14.75
C ALA A 290 8.68 1.31 15.05
N ARG A 291 7.37 1.11 15.04
CA ARG A 291 6.38 2.17 15.21
C ARG A 291 6.60 3.31 14.21
N LYS A 292 6.75 2.94 12.94
CA LYS A 292 6.68 3.95 11.90
C LYS A 292 5.25 4.49 11.80
N PRO A 293 5.08 5.79 11.51
CA PRO A 293 6.07 6.83 11.17
C PRO A 293 6.79 7.54 12.33
N LEU A 294 6.31 7.37 13.57
CA LEU A 294 6.98 7.97 14.72
C LEU A 294 8.47 7.66 14.71
N PHE A 295 8.84 6.44 14.30
CA PHE A 295 10.21 6.02 14.06
C PHE A 295 11.04 7.08 13.36
N PHE A 296 10.47 7.75 12.36
CA PHE A 296 11.19 8.77 11.62
C PHE A 296 11.17 10.14 12.29
N GLY A 297 10.62 10.24 13.50
CA GLY A 297 10.80 11.43 14.30
C GLY A 297 11.50 11.11 15.61
N GLU A 298 10.80 11.32 16.73
CA GLU A 298 11.41 11.06 18.03
C GLU A 298 11.69 9.58 18.23
N GLY A 299 10.96 8.70 17.55
CA GLY A 299 11.07 7.28 17.82
C GLY A 299 10.57 6.97 19.23
N THR A 300 10.95 5.78 19.69
CA THR A 300 10.78 5.36 21.07
C THR A 300 12.12 4.87 21.59
N VAL A 301 12.14 4.48 22.86
CA VAL A 301 13.36 3.98 23.48
C VAL A 301 13.86 2.73 22.78
N LEU A 302 15.18 2.68 22.54
CA LEU A 302 15.79 1.52 21.90
C LEU A 302 15.85 0.32 22.87
N ARG A 303 15.28 -0.81 22.47
CA ARG A 303 15.25 -2.02 23.29
C ARG A 303 15.90 -3.19 22.55
N GLN A 304 16.25 -4.22 23.30
CA GLN A 304 16.88 -5.42 22.76
C GLN A 304 15.94 -6.61 22.93
N VAL A 305 15.72 -7.34 21.84
CA VAL A 305 14.86 -8.52 21.88
C VAL A 305 15.64 -9.68 22.48
N ASP A 306 15.01 -10.41 23.40
CA ASP A 306 15.50 -11.73 23.80
C ASP A 306 15.01 -12.73 22.76
N THR A 307 15.88 -13.15 21.85
CA THR A 307 15.40 -13.99 20.75
C THR A 307 15.03 -15.41 21.19
N LYS A 308 15.58 -15.91 22.29
CA LYS A 308 15.15 -17.23 22.77
C LYS A 308 13.69 -17.20 23.23
N THR A 309 13.26 -16.10 23.86
CA THR A 309 11.90 -16.03 24.37
C THR A 309 10.99 -15.16 23.52
N GLY A 310 11.54 -14.25 22.72
CA GLY A 310 10.70 -13.34 21.97
C GLY A 310 10.18 -12.19 22.80
N LYS A 311 10.59 -12.08 24.06
CA LYS A 311 10.26 -10.95 24.90
C LYS A 311 11.39 -9.93 24.86
N LEU A 312 11.05 -8.68 25.13
CA LEU A 312 12.06 -7.64 25.24
C LEU A 312 12.85 -7.82 26.54
N LYS A 313 14.15 -7.58 26.49
CA LYS A 313 14.90 -7.51 27.74
C LYS A 313 14.57 -6.21 28.46
N ILE A 314 14.60 -6.27 29.80
CA ILE A 314 14.29 -5.10 30.60
C ILE A 314 15.41 -4.09 30.43
N GLY A 315 15.05 -2.84 30.15
CA GLY A 315 15.99 -1.75 30.07
C GLY A 315 16.19 -1.26 28.65
N THR A 316 16.84 -0.09 28.56
CA THR A 316 17.22 0.51 27.29
C THR A 316 18.57 -0.03 26.85
N TYR A 317 18.66 -0.48 25.60
CA TYR A 317 19.93 -0.99 25.08
C TYR A 317 20.85 0.19 24.74
N THR A 318 22.02 0.23 25.37
CA THR A 318 23.00 1.30 25.19
C THR A 318 24.27 0.85 24.46
N GLY A 319 24.38 -0.43 24.11
CA GLY A 319 25.60 -0.97 23.57
C GLY A 319 25.79 -0.76 22.08
N PRO A 320 26.81 -1.42 21.53
CA PRO A 320 27.15 -1.22 20.11
C PRO A 320 26.35 -2.14 19.21
N LEU A 321 26.50 -1.92 17.89
CA LEU A 321 26.02 -2.91 16.95
C LEU A 321 26.82 -4.19 17.15
N GLN A 322 26.11 -5.29 17.36
CA GLN A 322 26.76 -6.54 17.69
C GLN A 322 26.09 -7.65 16.90
N HIS A 323 26.91 -8.57 16.40
CA HIS A 323 26.37 -9.68 15.62
C HIS A 323 25.37 -10.49 16.43
N GLY A 324 24.24 -10.83 15.82
CA GLY A 324 23.20 -11.59 16.48
C GLY A 324 22.16 -10.79 17.25
N ILE A 325 22.38 -9.49 17.45
CA ILE A 325 21.45 -8.70 18.26
C ILE A 325 20.24 -8.27 17.43
N VAL A 326 19.08 -8.25 18.07
CA VAL A 326 17.84 -7.82 17.45
C VAL A 326 17.29 -6.65 18.26
N TYR A 327 17.00 -5.54 17.58
CA TYR A 327 16.54 -4.32 18.22
C TYR A 327 15.02 -4.18 18.11
N SER A 328 14.48 -3.39 19.05
CA SER A 328 13.06 -3.06 19.11
C SER A 328 12.90 -1.58 19.41
N GLY A 329 12.03 -0.92 18.66
CA GLY A 329 11.79 0.50 18.88
C GLY A 329 12.88 1.34 18.25
N GLY A 330 13.45 2.25 19.04
CA GLY A 330 14.48 3.16 18.55
C GLY A 330 13.93 4.22 17.59
N SER A 331 14.79 4.68 16.69
CA SER A 331 14.39 5.65 15.69
C SER A 331 15.27 5.51 14.46
N SER A 332 14.94 6.28 13.42
CA SER A 332 15.75 6.25 12.20
C SER A 332 17.21 6.60 12.49
N ASP A 333 17.45 7.44 13.51
CA ASP A 333 18.82 7.77 13.90
C ASP A 333 19.59 6.54 14.40
N THR A 334 18.90 5.58 15.02
CA THR A 334 19.53 4.31 15.36
C THR A 334 20.16 3.67 14.13
N ILE A 335 19.41 3.59 13.03
CA ILE A 335 19.94 3.03 11.80
C ILE A 335 21.17 3.83 11.33
N CYS A 336 21.05 5.15 11.30
CA CYS A 336 22.13 5.99 10.78
C CYS A 336 23.39 5.85 11.62
N ASP A 337 23.26 5.90 12.94
CA ASP A 337 24.44 5.80 13.79
C ASP A 337 25.07 4.40 13.70
N LEU A 338 24.26 3.35 13.88
CA LEU A 338 24.82 2.00 13.95
C LEU A 338 25.40 1.55 12.61
N LEU A 339 24.82 1.98 11.50
CA LEU A 339 25.36 1.61 10.21
C LEU A 339 26.30 2.67 9.64
N GLY A 340 26.43 3.81 10.31
CA GLY A 340 27.35 4.83 9.87
C GLY A 340 26.94 5.42 8.54
N ALA A 341 25.66 5.77 8.41
CA ALA A 341 25.13 6.28 7.16
C ALA A 341 24.44 7.61 7.37
N LYS A 342 24.37 8.38 6.28
CA LYS A 342 23.53 9.55 6.19
C LYS A 342 22.30 9.19 5.35
N GLY A 343 21.26 10.03 5.48
CA GLY A 343 19.99 9.73 4.83
C GLY A 343 20.09 9.42 3.34
N LYS A 344 20.87 10.22 2.61
CA LYS A 344 20.91 9.96 1.17
C LYS A 344 21.76 8.74 0.79
N ASP A 345 22.42 8.10 1.78
CA ASP A 345 23.08 6.81 1.60
C ASP A 345 22.12 5.62 1.73
N ILE A 346 20.86 5.88 2.10
CA ILE A 346 19.91 4.85 2.48
C ILE A 346 18.83 4.77 1.42
N LEU A 347 18.59 3.56 0.89
CA LEU A 347 17.39 3.29 0.10
C LEU A 347 16.46 2.48 0.98
N TYR A 348 15.38 3.11 1.44
CA TYR A 348 14.36 2.41 2.21
C TYR A 348 13.22 1.94 1.28
N ILE A 349 12.82 0.68 1.45
CA ILE A 349 11.91 -0.03 0.54
C ILE A 349 10.69 -0.45 1.35
N GLY A 350 9.50 -0.04 0.90
CA GLY A 350 8.30 -0.36 1.65
C GLY A 350 7.05 -0.05 0.85
N ASP A 351 5.91 -0.39 1.44
CA ASP A 351 4.63 -0.26 0.75
C ASP A 351 3.71 0.81 1.33
N HIS A 352 4.05 1.41 2.47
CA HIS A 352 3.18 2.39 3.10
C HIS A 352 3.55 3.78 2.58
N ILE A 353 2.70 4.35 1.72
CA ILE A 353 3.03 5.64 1.10
C ILE A 353 3.25 6.69 2.17
N PHE A 354 2.51 6.62 3.28
CA PHE A 354 2.66 7.58 4.35
C PHE A 354 3.74 7.16 5.34
N GLY A 355 3.56 5.99 5.97
CA GLY A 355 4.39 5.61 7.10
C GLY A 355 5.82 5.23 6.73
N ASP A 356 6.05 4.73 5.51
CA ASP A 356 7.37 4.32 5.06
C ASP A 356 8.05 5.34 4.17
N ILE A 357 7.30 5.98 3.28
CA ILE A 357 7.86 6.71 2.14
C ILE A 357 7.79 8.23 2.37
N LEU A 358 6.58 8.78 2.49
CA LEU A 358 6.45 10.23 2.70
C LEU A 358 7.28 10.69 3.91
N LYS A 359 7.11 10.01 5.04
CA LYS A 359 7.73 10.48 6.27
C LYS A 359 9.24 10.33 6.26
N SER A 360 9.76 9.18 5.80
CA SER A 360 11.21 9.06 5.74
C SER A 360 11.82 10.08 4.76
N LYS A 361 11.12 10.36 3.66
CA LYS A 361 11.63 11.36 2.72
C LYS A 361 11.62 12.74 3.36
N LYS A 362 10.44 13.19 3.83
CA LYS A 362 10.30 14.56 4.34
C LYS A 362 11.11 14.79 5.62
N ARG A 363 11.07 13.83 6.56
CA ARG A 363 11.66 14.09 7.87
C ARG A 363 13.16 13.80 7.95
N GLN A 364 13.69 12.93 7.10
CA GLN A 364 15.07 12.50 7.21
C GLN A 364 15.84 12.53 5.91
N GLY A 365 15.21 12.82 4.78
CA GLY A 365 15.93 12.85 3.52
C GLY A 365 16.42 11.49 3.06
N TRP A 366 15.76 10.40 3.46
CA TRP A 366 16.09 9.07 2.95
C TRP A 366 15.70 8.94 1.49
N ARG A 367 16.42 8.10 0.76
CA ARG A 367 15.94 7.73 -0.56
C ARG A 367 14.91 6.62 -0.42
N THR A 368 13.95 6.59 -1.34
CA THR A 368 12.75 5.80 -1.15
C THR A 368 12.45 4.97 -2.38
N PHE A 369 11.93 3.76 -2.12
CA PHE A 369 11.48 2.80 -3.13
C PHE A 369 10.13 2.32 -2.64
N LEU A 370 9.07 2.63 -3.40
CA LEU A 370 7.70 2.27 -3.04
C LEU A 370 7.31 0.98 -3.77
N VAL A 371 6.99 -0.07 -3.02
CA VAL A 371 6.43 -1.30 -3.60
C VAL A 371 4.92 -1.13 -3.76
N ILE A 372 4.42 -1.36 -4.96
CA ILE A 372 2.98 -1.28 -5.22
C ILE A 372 2.48 -2.61 -5.76
N PRO A 373 2.00 -3.52 -4.89
CA PRO A 373 1.65 -4.88 -5.39
C PRO A 373 0.62 -4.87 -6.50
N GLU A 374 -0.38 -3.98 -6.44
CA GLU A 374 -1.41 -3.91 -7.48
C GLU A 374 -0.87 -3.52 -8.83
N LEU A 375 0.36 -3.01 -8.90
CA LEU A 375 0.82 -2.40 -10.15
C LEU A 375 0.88 -3.42 -11.27
N ALA A 376 1.10 -4.69 -10.93
CA ALA A 376 1.09 -5.75 -11.94
C ALA A 376 -0.24 -5.77 -12.68
N GLN A 377 -1.35 -5.78 -11.95
CA GLN A 377 -2.64 -5.80 -12.63
C GLN A 377 -2.99 -4.44 -13.22
N GLU A 378 -2.67 -3.35 -12.51
CA GLU A 378 -2.92 -2.03 -13.09
C GLU A 378 -2.22 -1.89 -14.44
N LEU A 379 -0.98 -2.37 -14.54
CA LEU A 379 -0.25 -2.32 -15.81
C LEU A 379 -0.95 -3.14 -16.88
N HIS A 380 -1.48 -4.31 -16.53
CA HIS A 380 -2.20 -5.11 -17.51
C HIS A 380 -3.40 -4.35 -18.08
N VAL A 381 -4.15 -3.66 -17.21
CA VAL A 381 -5.35 -2.97 -17.66
C VAL A 381 -4.99 -1.71 -18.42
N TRP A 382 -3.95 -1.00 -17.98
CA TRP A 382 -3.61 0.29 -18.57
C TRP A 382 -3.19 0.14 -20.03
N THR A 383 -2.37 -0.88 -20.34
CA THR A 383 -1.99 -1.12 -21.72
C THR A 383 -3.17 -1.64 -22.53
N ASP A 384 -3.85 -2.67 -22.01
CA ASP A 384 -4.96 -3.28 -22.76
C ASP A 384 -6.02 -2.26 -23.14
N LYS A 385 -6.15 -1.21 -22.35
CA LYS A 385 -7.20 -0.23 -22.55
C LYS A 385 -6.64 1.18 -22.75
N SER A 386 -5.44 1.26 -23.34
CA SER A 386 -4.90 2.55 -23.72
C SER A 386 -5.85 3.30 -24.64
N SER A 387 -6.70 2.58 -25.37
CA SER A 387 -7.60 3.17 -26.36
C SER A 387 -8.40 4.34 -25.76
N LEU A 388 -9.12 4.08 -24.66
CA LEU A 388 -10.00 5.12 -24.14
C LEU A 388 -9.25 6.28 -23.53
N PHE A 389 -8.00 6.06 -23.09
CA PHE A 389 -7.28 7.18 -22.51
C PHE A 389 -6.82 8.16 -23.58
N GLU A 390 -6.27 7.65 -24.68
CA GLU A 390 -5.91 8.52 -25.80
C GLU A 390 -7.12 9.29 -26.28
N GLU A 391 -8.27 8.62 -26.39
CA GLU A 391 -9.53 9.31 -26.65
C GLU A 391 -9.73 10.46 -25.67
N LEU A 392 -9.70 10.15 -24.37
CA LEU A 392 -9.95 11.16 -23.34
C LEU A 392 -9.02 12.36 -23.51
N GLN A 393 -7.76 12.11 -23.85
CA GLN A 393 -6.85 13.23 -24.09
C GLN A 393 -7.30 14.06 -25.30
N SER A 394 -7.73 13.39 -26.37
CA SER A 394 -8.15 14.11 -27.57
C SER A 394 -9.37 14.99 -27.30
N LEU A 395 -10.32 14.51 -26.48
CA LEU A 395 -11.56 15.26 -26.26
C LEU A 395 -11.31 16.55 -25.49
N ASP A 396 -10.51 16.50 -24.43
CA ASP A 396 -10.23 17.71 -23.67
C ASP A 396 -9.54 18.74 -24.54
N ILE A 397 -8.61 18.29 -25.39
CA ILE A 397 -7.96 19.21 -26.33
C ILE A 397 -9.00 19.83 -27.25
N PHE A 398 -9.87 19.01 -27.83
CA PHE A 398 -10.90 19.53 -28.73
C PHE A 398 -11.87 20.44 -27.99
N LEU A 399 -12.18 20.13 -26.72
CA LEU A 399 -13.10 20.95 -25.95
C LEU A 399 -12.54 22.36 -25.77
N ALA A 400 -11.23 22.48 -25.60
CA ALA A 400 -10.62 23.80 -25.41
C ALA A 400 -10.77 24.66 -26.66
N GLU A 401 -10.47 24.10 -27.83
CA GLU A 401 -10.65 24.83 -29.07
C GLU A 401 -12.10 25.25 -29.27
N LEU A 402 -13.05 24.43 -28.83
CA LEU A 402 -14.46 24.82 -28.87
C LEU A 402 -14.71 26.06 -28.02
N TYR A 403 -14.12 26.11 -26.82
CA TYR A 403 -14.40 27.21 -25.88
C TYR A 403 -13.97 28.55 -26.44
N LYS A 404 -12.79 28.63 -27.05
CA LYS A 404 -12.28 29.91 -27.55
C LYS A 404 -12.93 30.35 -28.85
N HIS A 405 -13.51 29.42 -29.62
CA HIS A 405 -14.23 29.76 -30.85
C HIS A 405 -15.48 30.58 -30.55
N PRO A 414 -25.33 22.70 -26.73
CA PRO A 414 -24.86 21.66 -27.65
C PRO A 414 -23.34 21.46 -27.55
N ASP A 415 -22.74 21.13 -28.71
CA ASP A 415 -21.39 20.60 -28.89
C ASP A 415 -20.49 20.52 -27.66
N ILE A 416 -20.32 21.63 -26.93
CA ILE A 416 -19.54 21.57 -25.70
C ILE A 416 -20.27 20.72 -24.66
N SER A 417 -21.58 20.96 -24.47
CA SER A 417 -22.36 20.16 -23.53
C SER A 417 -22.41 18.69 -23.96
N SER A 418 -22.43 18.43 -25.27
CA SER A 418 -22.43 17.04 -25.74
C SER A 418 -21.11 16.35 -25.46
N ILE A 419 -20.01 17.09 -25.55
CA ILE A 419 -18.69 16.49 -25.37
C ILE A 419 -18.34 16.32 -23.90
N GLN A 420 -18.78 17.24 -23.04
CA GLN A 420 -18.64 17.05 -21.60
C GLN A 420 -19.31 15.75 -21.17
N ARG A 421 -20.47 15.43 -21.76
CA ARG A 421 -21.11 14.16 -21.46
C ARG A 421 -20.37 13.00 -22.10
N ARG A 422 -19.79 13.21 -23.28
CA ARG A 422 -19.00 12.15 -23.90
C ARG A 422 -17.75 11.86 -23.08
N ILE A 423 -17.12 12.89 -22.53
CA ILE A 423 -15.97 12.71 -21.64
C ILE A 423 -16.38 11.88 -20.42
N LYS A 424 -17.52 12.23 -19.82
CA LYS A 424 -17.97 11.50 -18.63
C LYS A 424 -18.24 10.04 -18.94
N LYS A 425 -18.77 9.74 -20.13
CA LYS A 425 -19.05 8.34 -20.46
C LYS A 425 -17.77 7.56 -20.67
N VAL A 426 -16.78 8.15 -21.33
CA VAL A 426 -15.52 7.46 -21.55
C VAL A 426 -14.78 7.25 -20.23
N THR A 427 -14.75 8.29 -19.38
CA THR A 427 -14.11 8.17 -18.08
C THR A 427 -14.66 6.98 -17.31
N HIS A 428 -15.99 6.88 -17.25
CA HIS A 428 -16.63 5.77 -16.55
C HIS A 428 -16.28 4.43 -17.19
N ASP A 429 -16.29 4.35 -18.53
CA ASP A 429 -15.97 3.10 -19.21
C ASP A 429 -14.53 2.66 -18.89
N MET A 430 -13.60 3.60 -18.89
CA MET A 430 -12.23 3.28 -18.51
C MET A 430 -12.14 2.85 -17.05
N ASP A 431 -12.82 3.57 -16.15
CA ASP A 431 -12.68 3.29 -14.72
C ASP A 431 -13.19 1.89 -14.36
N MET A 432 -14.27 1.44 -15.02
CA MET A 432 -14.91 0.18 -14.65
C MET A 432 -14.08 -1.04 -14.96
N CYS A 433 -12.98 -0.89 -15.70
CA CYS A 433 -12.17 -2.04 -16.06
C CYS A 433 -11.18 -2.42 -14.96
N TYR A 434 -10.97 -1.54 -13.99
CA TYR A 434 -10.13 -1.82 -12.83
C TYR A 434 -10.92 -2.39 -11.66
N GLY A 435 -12.21 -2.08 -11.59
CA GLY A 435 -13.04 -2.38 -10.45
C GLY A 435 -14.05 -1.25 -10.28
N MET A 436 -14.93 -1.41 -9.29
CA MET A 436 -16.00 -0.44 -9.11
C MET A 436 -15.50 0.91 -8.65
N MET A 437 -14.37 0.93 -7.93
CA MET A 437 -13.78 2.18 -7.48
C MET A 437 -12.66 2.62 -8.39
N GLY A 438 -12.49 1.97 -9.54
CA GLY A 438 -11.56 2.41 -10.54
C GLY A 438 -10.10 2.15 -10.20
N SER A 439 -9.25 2.73 -11.04
CA SER A 439 -7.81 2.53 -10.91
C SER A 439 -7.26 3.17 -9.63
N LEU A 440 -6.20 2.56 -9.11
CA LEU A 440 -5.48 3.12 -7.98
C LEU A 440 -4.97 4.54 -8.27
N PHE A 441 -4.68 4.83 -9.54
CA PHE A 441 -3.90 5.99 -9.94
C PHE A 441 -4.69 7.11 -10.58
N ARG A 442 -5.95 6.89 -10.96
CA ARG A 442 -6.66 7.94 -11.67
C ARG A 442 -8.12 7.56 -11.80
N SER A 443 -8.93 8.57 -12.10
CA SER A 443 -10.27 8.40 -12.62
C SER A 443 -10.30 9.15 -13.93
N GLY A 444 -10.29 8.42 -15.04
CA GLY A 444 -10.20 9.04 -16.34
C GLY A 444 -8.89 9.81 -16.45
N SER A 445 -8.97 11.09 -16.75
CA SER A 445 -7.76 11.89 -16.95
C SER A 445 -7.27 12.55 -15.66
N ARG A 446 -7.98 12.38 -14.55
CA ARG A 446 -7.64 13.02 -13.29
C ARG A 446 -6.87 12.05 -12.40
N GLN A 447 -5.69 12.46 -11.96
CA GLN A 447 -4.86 11.62 -11.10
C GLN A 447 -5.38 11.62 -9.67
N THR A 448 -5.23 10.48 -9.01
CA THR A 448 -5.64 10.36 -7.62
C THR A 448 -4.60 11.00 -6.69
N LEU A 449 -5.06 11.32 -5.49
CA LEU A 449 -4.17 11.67 -4.39
C LEU A 449 -3.01 10.68 -4.28
N PHE A 450 -3.33 9.38 -4.31
CA PHE A 450 -2.30 8.35 -4.20
C PHE A 450 -1.28 8.49 -5.31
N ALA A 451 -1.73 8.59 -6.55
CA ALA A 451 -0.82 8.84 -7.67
C ALA A 451 0.07 10.05 -7.41
N SER A 452 -0.50 11.17 -6.99
CA SER A 452 0.34 12.36 -6.84
C SER A 452 1.36 12.15 -5.74
N GLN A 453 1.01 11.40 -4.68
CA GLN A 453 1.94 11.16 -3.58
C GLN A 453 3.03 10.17 -3.96
N VAL A 454 2.73 9.20 -4.83
CA VAL A 454 3.78 8.36 -5.38
C VAL A 454 4.81 9.24 -6.11
N MET A 455 4.34 10.01 -7.09
CA MET A 455 5.24 10.87 -7.86
C MET A 455 6.04 11.79 -6.97
N ARG A 456 5.43 12.27 -5.89
N ARG A 456 5.42 12.30 -5.90
CA ARG A 456 6.03 13.32 -5.07
CA ARG A 456 6.10 13.32 -5.10
C ARG A 456 7.03 12.79 -4.05
C ARG A 456 7.14 12.71 -4.16
N TYR A 457 6.82 11.57 -3.53
CA TYR A 457 7.68 11.08 -2.44
C TYR A 457 8.39 9.75 -2.70
N ALA A 458 7.94 8.92 -3.65
CA ALA A 458 8.66 7.69 -4.01
C ALA A 458 9.69 8.00 -5.10
N ASP A 459 10.98 8.00 -4.73
CA ASP A 459 12.03 8.20 -5.72
C ASP A 459 11.94 7.14 -6.81
N LEU A 460 11.74 5.87 -6.42
CA LEU A 460 11.55 4.76 -7.33
C LEU A 460 10.29 4.00 -6.91
N TYR A 461 9.69 3.27 -7.86
CA TYR A 461 8.58 2.42 -7.48
C TYR A 461 8.45 1.26 -8.48
N ALA A 462 7.85 0.18 -8.02
CA ALA A 462 7.76 -1.03 -8.84
C ALA A 462 6.68 -1.96 -8.30
N ALA A 463 6.24 -2.89 -9.14
CA ALA A 463 5.32 -3.92 -8.66
C ALA A 463 5.93 -4.74 -7.54
N SER A 464 7.25 -4.88 -7.53
CA SER A 464 7.90 -5.65 -6.49
C SER A 464 9.31 -5.10 -6.30
N PHE A 465 9.83 -5.20 -5.07
CA PHE A 465 11.23 -4.85 -4.83
C PHE A 465 12.17 -5.77 -5.59
N ILE A 466 11.71 -6.96 -5.96
CA ILE A 466 12.60 -7.91 -6.63
C ILE A 466 13.08 -7.37 -7.97
N ASN A 467 12.40 -6.35 -8.52
CA ASN A 467 12.81 -5.84 -9.83
C ASN A 467 14.17 -5.16 -9.80
N LEU A 468 14.67 -4.82 -8.61
CA LEU A 468 16.04 -4.33 -8.47
C LEU A 468 17.07 -5.37 -8.92
N LEU A 469 16.73 -6.66 -8.82
CA LEU A 469 17.66 -7.72 -9.22
C LEU A 469 18.05 -7.60 -10.68
N TYR A 470 17.20 -7.01 -11.51
CA TYR A 470 17.41 -6.94 -12.94
C TYR A 470 18.20 -5.72 -13.36
N TYR A 471 18.82 -5.00 -12.42
CA TYR A 471 19.64 -3.83 -12.71
C TYR A 471 20.99 -3.98 -12.04
N PRO A 472 22.08 -3.59 -12.72
CA PRO A 472 23.39 -3.61 -12.05
C PRO A 472 23.41 -2.60 -10.92
N PHE A 473 24.34 -2.77 -9.99
CA PHE A 473 24.33 -1.88 -8.85
C PHE A 473 25.18 -0.63 -9.07
N SER A 474 25.67 -0.42 -10.29
CA SER A 474 26.19 0.88 -10.69
C SER A 474 25.13 1.74 -11.38
N TYR A 475 23.91 1.23 -11.51
CA TYR A 475 22.92 1.83 -12.39
C TYR A 475 22.50 3.21 -11.89
N LEU A 476 22.34 4.13 -12.83
CA LEU A 476 21.79 5.45 -12.55
C LEU A 476 20.36 5.45 -13.08
N PHE A 477 19.41 5.31 -12.16
CA PHE A 477 18.00 5.49 -12.50
C PHE A 477 17.80 6.97 -12.80
N ARG A 478 17.37 7.26 -14.02
CA ARG A 478 17.31 8.64 -14.52
C ARG A 478 15.87 9.03 -14.80
N ALA A 479 15.43 10.13 -14.18
CA ALA A 479 14.16 10.75 -14.54
C ALA A 479 14.41 11.95 -15.44
N ALA A 480 13.40 12.33 -16.21
CA ALA A 480 13.51 13.51 -17.03
C ALA A 480 13.56 14.77 -16.17
N HIS A 481 14.34 15.74 -16.62
CA HIS A 481 14.37 17.04 -15.96
C HIS A 481 12.98 17.69 -16.05
N VAL A 482 12.52 18.21 -14.95
CA VAL A 482 11.20 18.85 -14.87
C VAL A 482 11.35 20.32 -15.24
N LEU A 483 10.44 20.82 -16.07
CA LEU A 483 10.37 22.22 -16.50
C LEU A 483 9.01 22.80 -16.13
N MET A 484 9.01 24.04 -15.65
CA MET A 484 7.77 24.80 -15.47
C MET A 484 7.19 25.20 -16.84
N PRO A 485 5.89 25.50 -16.91
CA PRO A 485 5.30 25.94 -18.19
C PRO A 485 6.05 27.07 -18.88
N HIS A 486 6.56 28.05 -18.15
CA HIS A 486 7.25 29.14 -18.82
C HIS A 486 8.63 28.74 -19.29
N GLU A 487 9.17 27.65 -18.79
CA GLU A 487 10.52 27.26 -19.19
C GLU A 487 10.56 26.56 -20.55
N SER A 488 9.41 26.13 -21.08
CA SER A 488 9.33 25.50 -22.41
C SER A 488 9.11 26.49 -23.56
S SO4 B . 2.45 -1.13 8.65
O1 SO4 B . 1.98 -0.50 9.89
O2 SO4 B . 3.68 -0.51 8.18
O3 SO4 B . 1.39 -1.02 7.65
O4 SO4 B . 2.75 -2.54 8.94
S SO4 C . 1.00 15.99 0.63
O1 SO4 C . 0.21 17.13 0.19
O2 SO4 C . 1.87 16.39 1.73
O3 SO4 C . 0.09 14.90 1.01
O4 SO4 C . 1.81 15.54 -0.50
MG MG D . 4.33 -2.81 5.00
C1 GOL E . 24.04 -8.85 12.43
O1 GOL E . 24.27 -10.00 13.19
C2 GOL E . 22.71 -8.31 12.92
O2 GOL E . 22.90 -7.47 14.03
C3 GOL E . 21.89 -9.61 13.21
O3 GOL E . 20.94 -9.34 14.19
C1 GOL F . -8.45 -2.04 -8.18
O1 GOL F . -8.56 -3.39 -7.76
C2 GOL F . -7.32 -2.03 -9.24
O2 GOL F . -7.59 -2.92 -10.29
C3 GOL F . -6.05 -2.42 -8.45
O3 GOL F . -5.65 -1.24 -7.79
C1 GOL G . 16.12 -18.53 13.98
O1 GOL G . 14.79 -18.02 13.93
C2 GOL G . 16.05 -19.93 13.36
O2 GOL G . 15.30 -20.80 14.15
C3 GOL G . 15.41 -19.65 11.98
O3 GOL G . 16.08 -18.48 11.50
#